data_2FSN
#
_entry.id   2FSN
#
_cell.length_a   51.703
_cell.length_b   92.840
_cell.length_c   73.659
_cell.angle_alpha   90.00
_cell.angle_beta   89.94
_cell.angle_gamma   90.00
#
_symmetry.space_group_name_H-M   'P 1 21 1'
#
loop_
_entity.id
_entity.type
_entity.pdbx_description
1 polymer 'hypothetical protein Ta0583'
2 non-polymer 'MAGNESIUM ION'
3 non-polymer "ADENOSINE-5'-DIPHOSPHATE"
4 water water
#
_entity_poly.entity_id   1
_entity_poly.type   'polypeptide(L)'
_entity_poly.pdbx_seq_one_letter_code
;(MSE)GSSHHHHHHSSGLVPRGSH(MSE)VVVGLDVGYGDTKVIGVDGKRIIFPSRWAVTETESWGIGGKIPVLSTDGGQ
TKFIYGKYASGNNIRVPQGDGRLASKEAFPLIAAALWESGIHNDGSPVDLVIGSGTPLGTFDLEVKAAKEALENKVLTVT
GPEGEVRQFNITRLI(MSE)RPQGVGAALYLLNQGIIEQQPGYGVVIDVGSRTTDVLTINL(MSE)D(MSE)EPVVELSF
SLQIGVGDAISALSRKIAKETGFVVPFDLAQEALSHPV(MSE)FRQKQVGGPEVSGPILEDLANRIIENIRLNLRGEVDR
VTSLIPVGGGSNLIGDRFEEIAPGTLVKIKPEDLQFANALGYRDAAERS(MSE)
;
_entity_poly.pdbx_strand_id   A,B
#
# COMPACT_ATOMS: atom_id res chain seq x y z
N VAL A 22 -9.83 20.22 12.45
CA VAL A 22 -11.04 19.61 11.91
C VAL A 22 -11.08 18.19 12.45
N VAL A 23 -12.28 17.72 12.70
CA VAL A 23 -12.48 16.36 13.17
C VAL A 23 -13.38 15.66 12.20
N VAL A 24 -12.90 14.53 11.69
CA VAL A 24 -13.75 13.62 10.96
C VAL A 24 -13.82 12.32 11.69
N GLY A 25 -14.99 11.70 11.69
CA GLY A 25 -15.15 10.34 12.14
C GLY A 25 -15.39 9.46 10.93
N LEU A 26 -14.72 8.32 10.85
CA LEU A 26 -14.72 7.50 9.66
C LEU A 26 -14.87 6.02 9.95
N ASP A 27 -15.67 5.33 9.15
CA ASP A 27 -15.99 3.93 9.35
C ASP A 27 -15.98 3.15 7.98
N VAL A 28 -14.80 2.65 7.58
CA VAL A 28 -14.64 1.95 6.30
C VAL A 28 -15.03 0.49 6.49
N GLY A 29 -16.29 0.19 6.14
CA GLY A 29 -16.85 -1.14 6.28
C GLY A 29 -16.84 -1.84 4.96
N TYR A 30 -16.82 -3.16 4.98
CA TYR A 30 -16.67 -3.95 3.75
C TYR A 30 -17.55 -3.43 2.64
N GLY A 31 -18.80 -3.16 2.99
CA GLY A 31 -19.78 -2.65 2.05
C GLY A 31 -19.74 -1.15 1.75
N ASP A 32 -20.03 -0.37 2.77
CA ASP A 32 -19.98 1.06 2.63
C ASP A 32 -18.92 1.62 3.55
N THR A 33 -18.33 2.71 3.09
CA THR A 33 -17.53 3.62 3.87
C THR A 33 -18.46 4.67 4.41
N LYS A 34 -18.25 5.12 5.63
CA LYS A 34 -19.18 6.06 6.27
C LYS A 34 -18.34 7.20 6.78
N VAL A 35 -18.72 8.42 6.49
CA VAL A 35 -17.94 9.50 7.08
C VAL A 35 -18.84 10.64 7.59
N ILE A 36 -18.36 11.31 8.63
CA ILE A 36 -19.08 12.39 9.30
C ILE A 36 -18.18 13.62 9.20
N GLY A 37 -18.62 14.63 8.44
CA GLY A 37 -17.77 15.77 8.09
C GLY A 37 -17.93 16.97 9.01
N VAL A 38 -17.96 18.16 8.41
CA VAL A 38 -18.03 19.44 9.15
C VAL A 38 -19.47 19.74 9.43
N ASP A 39 -19.72 20.11 10.69
CA ASP A 39 -21.06 20.19 11.28
C ASP A 39 -21.81 18.88 10.99
N GLY A 40 -21.11 17.76 11.17
CA GLY A 40 -21.72 16.44 11.13
C GLY A 40 -22.49 16.06 9.90
N LYS A 41 -22.07 16.51 8.72
CA LYS A 41 -22.65 16.07 7.45
C LYS A 41 -22.26 14.61 7.21
N ARG A 42 -23.16 13.89 6.55
CA ARG A 42 -23.06 12.46 6.44
C ARG A 42 -22.74 12.07 5.03
N ILE A 43 -21.46 11.93 4.75
CA ILE A 43 -21.03 11.26 3.51
C ILE A 43 -21.09 9.71 3.66
N ILE A 44 -21.09 9.01 2.53
CA ILE A 44 -21.18 7.54 2.48
C ILE A 44 -21.03 7.01 1.06
N PHE A 45 -19.85 6.52 0.72
CA PHE A 45 -19.72 5.87 -0.58
C PHE A 45 -19.50 4.37 -0.42
N PRO A 46 -20.26 3.55 -1.13
CA PRO A 46 -19.85 2.17 -1.38
C PRO A 46 -18.35 1.99 -1.45
N SER A 47 -17.87 0.92 -0.81
CA SER A 47 -16.46 0.66 -0.51
C SER A 47 -15.90 -0.19 -1.61
N ARG A 48 -15.49 0.52 -2.66
CA ARG A 48 -15.00 -0.03 -3.92
C ARG A 48 -14.33 1.11 -4.72
N TRP A 49 -13.10 0.82 -5.17
CA TRP A 49 -12.31 1.73 -5.98
C TRP A 49 -11.45 1.00 -7.06
N ALA A 50 -11.84 1.14 -8.33
CA ALA A 50 -11.08 0.61 -9.48
C ALA A 50 -10.25 1.68 -10.17
N VAL A 51 -9.06 1.28 -10.62
CA VAL A 51 -8.14 2.16 -11.35
C VAL A 51 -8.59 2.43 -12.81
N THR A 52 -8.29 3.65 -13.28
CA THR A 52 -8.40 4.03 -14.69
C THR A 52 -7.11 4.65 -15.25
N ILE A 63 -18.98 11.70 -10.14
CA ILE A 63 -18.07 10.95 -11.00
C ILE A 63 -16.65 11.56 -11.07
N PRO A 64 -15.91 11.48 -9.95
CA PRO A 64 -14.58 12.08 -9.83
C PRO A 64 -13.46 11.06 -9.98
N VAL A 65 -12.47 11.40 -10.80
CA VAL A 65 -11.22 10.67 -10.76
C VAL A 65 -10.43 11.47 -9.71
N LEU A 66 -9.88 10.77 -8.70
CA LEU A 66 -8.97 11.40 -7.72
C LEU A 66 -7.62 10.64 -7.71
N SER A 67 -6.68 11.00 -6.82
CA SER A 67 -5.29 10.54 -6.91
C SER A 67 -4.35 10.89 -5.72
N THR A 68 -3.82 9.86 -5.07
CA THR A 68 -2.91 10.01 -3.93
C THR A 68 -1.46 10.20 -4.35
N ASP A 69 -1.20 9.95 -5.64
CA ASP A 69 0.16 10.10 -6.24
C ASP A 69 0.44 11.47 -6.90
N GLY A 70 -0.52 12.40 -6.85
CA GLY A 70 -0.37 13.70 -7.50
C GLY A 70 -0.87 13.75 -8.95
N GLY A 71 -0.69 12.65 -9.69
CA GLY A 71 -1.15 12.53 -11.07
C GLY A 71 -0.88 11.15 -11.67
N GLN A 72 0.35 10.66 -11.46
CA GLN A 72 0.80 9.35 -11.95
C GLN A 72 -0.35 8.35 -12.04
N THR A 73 -1.14 8.25 -10.95
CA THR A 73 -2.18 7.22 -10.82
C THR A 73 -3.55 7.84 -10.54
N LYS A 74 -4.60 7.04 -10.70
CA LYS A 74 -5.96 7.59 -10.75
C LYS A 74 -7.06 6.55 -10.73
N PHE A 75 -8.05 6.76 -9.85
CA PHE A 75 -9.14 5.83 -9.67
C PHE A 75 -10.51 6.53 -9.58
N ILE A 76 -11.52 5.87 -10.09
CA ILE A 76 -12.90 6.15 -9.70
C ILE A 76 -13.20 5.40 -8.38
N TYR A 77 -14.12 5.93 -7.56
CA TYR A 77 -14.63 5.22 -6.38
C TYR A 77 -16.16 5.25 -6.27
N GLY A 78 -16.67 4.55 -5.28
CA GLY A 78 -18.08 4.64 -4.98
C GLY A 78 -18.92 3.94 -6.02
N LYS A 79 -20.08 4.51 -6.30
CA LYS A 79 -21.08 3.90 -7.17
C LYS A 79 -20.63 3.81 -8.61
N TYR A 80 -19.65 4.63 -8.99
CA TYR A 80 -19.26 4.78 -10.37
C TYR A 80 -18.11 3.85 -10.76
N ALA A 81 -17.52 3.17 -9.79
CA ALA A 81 -16.62 2.05 -10.15
C ALA A 81 -17.44 0.80 -10.51
N SER A 82 -17.43 0.46 -11.81
CA SER A 82 -17.83 -0.86 -12.36
C SER A 82 -16.61 -1.48 -13.05
N GLY A 83 -16.55 -2.80 -13.15
CA GLY A 83 -15.44 -3.50 -13.79
C GLY A 83 -15.03 -4.85 -13.24
N ASN A 84 -13.76 -5.23 -13.50
CA ASN A 84 -13.21 -6.54 -13.14
C ASN A 84 -12.01 -6.40 -12.17
N ASN A 85 -11.04 -5.56 -12.53
CA ASN A 85 -9.92 -5.26 -11.62
C ASN A 85 -10.28 -4.19 -10.56
N ILE A 86 -11.34 -4.50 -9.79
CA ILE A 86 -11.95 -3.60 -8.80
C ILE A 86 -11.52 -3.88 -7.35
N ARG A 87 -11.00 -2.87 -6.68
CA ARG A 87 -10.48 -3.04 -5.31
C ARG A 87 -11.65 -3.18 -4.30
N VAL A 88 -11.48 -3.99 -3.26
CA VAL A 88 -12.37 -3.90 -2.07
C VAL A 88 -11.62 -4.18 -0.75
N PRO A 89 -12.27 -3.88 0.38
CA PRO A 89 -11.67 -4.14 1.68
C PRO A 89 -11.80 -5.61 1.89
N GLN A 90 -10.80 -6.17 2.55
CA GLN A 90 -10.71 -7.58 2.78
C GLN A 90 -10.89 -7.80 4.26
N GLY A 91 -10.79 -6.71 5.05
CA GLY A 91 -11.29 -6.63 6.42
C GLY A 91 -12.15 -5.40 6.75
N ASP A 92 -13.09 -5.55 7.70
CA ASP A 92 -13.82 -4.43 8.36
C ASP A 92 -12.79 -3.64 9.16
N GLY A 93 -12.86 -2.33 9.08
CA GLY A 93 -12.11 -1.50 9.99
C GLY A 93 -10.62 -1.67 9.85
N ARG A 94 -10.14 -2.01 8.63
CA ARG A 94 -8.70 -2.17 8.41
C ARG A 94 -8.23 -0.92 7.69
N LEU A 95 -7.73 0.06 8.43
CA LEU A 95 -7.31 1.29 7.76
C LEU A 95 -5.83 1.23 7.22
N ALA A 96 -5.01 0.34 7.76
CA ALA A 96 -3.63 0.24 7.27
C ALA A 96 -3.54 -0.59 5.99
N SER A 97 -4.65 -1.23 5.64
CA SER A 97 -4.69 -2.07 4.47
C SER A 97 -4.56 -1.19 3.24
N LYS A 98 -3.95 -1.74 2.18
CA LYS A 98 -3.74 -1.05 0.89
C LYS A 98 -5.00 -1.05 0.01
N GLU A 99 -6.03 -1.74 0.50
CA GLU A 99 -7.31 -1.77 -0.14
C GLU A 99 -8.17 -0.66 0.45
N ALA A 100 -7.64 0.03 1.45
CA ALA A 100 -8.42 1.00 2.23
C ALA A 100 -8.05 2.42 1.92
N PHE A 101 -6.77 2.65 1.65
CA PHE A 101 -6.27 4.01 1.44
C PHE A 101 -7.17 4.85 0.53
N PRO A 102 -7.34 4.48 -0.75
CA PRO A 102 -8.15 5.28 -1.69
C PRO A 102 -9.54 5.66 -1.18
N LEU A 103 -10.11 4.86 -0.27
CA LEU A 103 -11.39 5.21 0.37
C LEU A 103 -11.17 6.30 1.41
N ILE A 104 -10.18 6.14 2.26
CA ILE A 104 -9.90 7.13 3.28
C ILE A 104 -9.76 8.48 2.57
N ALA A 105 -8.84 8.51 1.59
CA ALA A 105 -8.60 9.65 0.71
C ALA A 105 -9.89 10.22 0.17
N ALA A 106 -10.71 9.33 -0.36
CA ALA A 106 -11.99 9.69 -0.93
C ALA A 106 -12.97 10.16 0.13
N ALA A 107 -12.72 9.83 1.40
CA ALA A 107 -13.57 10.29 2.50
C ALA A 107 -13.23 11.77 2.75
N LEU A 108 -11.97 12.01 3.08
CA LEU A 108 -11.49 13.36 3.32
C LEU A 108 -11.85 14.28 2.17
N TRP A 109 -12.17 13.74 1.01
CA TRP A 109 -12.60 14.58 -0.09
C TRP A 109 -14.00 15.10 0.21
N GLU A 110 -14.97 14.18 0.30
CA GLU A 110 -16.38 14.57 0.49
C GLU A 110 -16.64 15.11 1.89
N SER A 111 -15.62 15.24 2.71
CA SER A 111 -15.81 15.72 4.07
C SER A 111 -16.11 17.22 4.11
N GLY A 112 -15.41 17.97 3.25
CA GLY A 112 -15.69 19.38 3.04
C GLY A 112 -14.83 20.29 3.89
N ILE A 113 -13.52 20.18 3.73
CA ILE A 113 -12.59 21.16 4.31
C ILE A 113 -12.39 22.39 3.40
N HIS A 114 -12.85 23.57 3.84
CA HIS A 114 -12.80 24.80 3.00
C HIS A 114 -11.39 25.17 2.56
N VAL A 120 -6.64 20.50 5.52
CA VAL A 120 -6.60 21.09 6.86
C VAL A 120 -5.76 20.25 7.88
N ASP A 121 -5.78 20.62 9.15
CA ASP A 121 -5.21 19.79 10.20
C ASP A 121 -6.35 18.93 10.85
N LEU A 122 -6.55 17.69 10.36
CA LEU A 122 -7.67 16.81 10.79
C LEU A 122 -7.22 15.82 11.86
N VAL A 123 -8.14 15.47 12.76
CA VAL A 123 -8.03 14.25 13.55
C VAL A 123 -9.06 13.31 12.96
N ILE A 124 -8.72 12.02 12.95
CA ILE A 124 -9.59 10.96 12.43
C ILE A 124 -9.97 10.05 13.60
N GLY A 125 -11.27 9.94 13.84
CA GLY A 125 -11.81 8.96 14.76
C GLY A 125 -12.38 7.78 14.02
N SER A 126 -12.06 6.56 14.41
CA SER A 126 -12.54 5.40 13.66
C SER A 126 -12.71 4.17 14.52
N GLY A 127 -13.01 3.05 13.89
CA GLY A 127 -13.02 1.81 14.63
C GLY A 127 -12.70 0.62 13.75
N THR A 128 -12.47 -0.47 14.47
CA THR A 128 -12.23 -1.80 13.97
C THR A 128 -12.66 -2.82 15.06
N PRO A 129 -13.03 -4.04 14.69
CA PRO A 129 -13.66 -4.94 15.66
C PRO A 129 -12.72 -5.34 16.83
N LEU A 130 -13.29 -5.83 17.93
CA LEU A 130 -12.62 -5.97 19.23
C LEU A 130 -11.66 -7.12 19.23
N GLY A 131 -12.01 -8.17 18.51
CA GLY A 131 -11.16 -9.35 18.37
C GLY A 131 -9.74 -9.01 18.09
N THR A 132 -9.51 -8.09 17.15
CA THR A 132 -8.21 -7.74 16.62
C THR A 132 -7.90 -6.27 16.95
N PHE A 133 -8.67 -5.73 17.88
CA PHE A 133 -8.62 -4.30 18.08
C PHE A 133 -7.20 -3.76 18.23
N ASP A 134 -6.32 -4.49 18.92
CA ASP A 134 -5.00 -3.96 19.28
C ASP A 134 -4.04 -3.90 18.12
N LEU A 135 -3.83 -5.04 17.45
CA LEU A 135 -2.96 -5.06 16.28
C LEU A 135 -3.44 -3.95 15.35
N GLU A 136 -4.76 -3.90 15.15
CA GLU A 136 -5.28 -3.15 14.02
C GLU A 136 -5.21 -1.69 14.24
N VAL A 137 -5.18 -1.30 15.50
CA VAL A 137 -4.94 0.08 15.89
C VAL A 137 -3.53 0.49 15.51
N LYS A 138 -2.54 -0.35 15.89
CA LYS A 138 -1.10 -0.18 15.55
C LYS A 138 -0.85 0.15 14.09
N ALA A 139 -1.38 -0.66 13.18
CA ALA A 139 -1.12 -0.44 11.77
C ALA A 139 -1.74 0.89 11.35
N ALA A 140 -3.04 1.05 11.53
CA ALA A 140 -3.67 2.35 11.33
C ALA A 140 -2.83 3.58 11.79
N LYS A 141 -2.10 3.50 12.91
CA LYS A 141 -1.29 4.66 13.36
C LYS A 141 0.01 4.86 12.52
N GLU A 142 0.72 3.76 12.28
CA GLU A 142 1.83 3.72 11.33
C GLU A 142 1.49 4.37 9.95
N ALA A 143 0.37 3.94 9.35
CA ALA A 143 -0.04 4.35 8.00
C ALA A 143 -0.68 5.76 7.88
N LEU A 144 -1.16 6.34 9.00
CA LEU A 144 -1.82 7.67 8.96
C LEU A 144 -1.50 8.70 10.05
N GLU A 145 -1.01 8.27 11.21
CA GLU A 145 -0.66 9.26 12.23
C GLU A 145 0.58 10.01 11.78
N ASN A 146 0.63 11.29 12.16
CA ASN A 146 1.53 12.28 11.58
C ASN A 146 2.03 11.98 10.14
N LYS A 147 1.12 11.75 9.20
CA LYS A 147 1.48 11.66 7.75
C LYS A 147 0.61 12.63 6.95
N VAL A 148 0.95 12.91 5.70
CA VAL A 148 0.25 13.97 4.95
C VAL A 148 -0.32 13.49 3.63
N LEU A 149 -1.57 13.03 3.65
CA LEU A 149 -2.20 12.56 2.42
C LEU A 149 -2.41 13.76 1.47
N THR A 150 -1.76 13.69 0.31
CA THR A 150 -1.80 14.74 -0.72
C THR A 150 -2.59 14.22 -1.91
N VAL A 151 -3.60 14.97 -2.37
CA VAL A 151 -4.63 14.37 -3.24
C VAL A 151 -5.19 15.29 -4.33
N THR A 152 -5.44 14.75 -5.53
CA THR A 152 -5.81 15.57 -6.71
C THR A 152 -7.10 15.13 -7.38
N GLY A 153 -7.99 16.09 -7.61
CA GLY A 153 -9.29 15.84 -8.26
C GLY A 153 -9.45 16.54 -9.61
N PRO A 154 -10.70 16.61 -10.12
CA PRO A 154 -10.99 17.40 -11.34
C PRO A 154 -10.43 18.85 -11.39
N GLU A 155 -10.31 19.40 -12.61
CA GLU A 155 -9.73 20.73 -12.87
C GLU A 155 -8.48 21.06 -12.01
N GLY A 156 -7.63 20.04 -11.80
CA GLY A 156 -6.34 20.16 -11.14
C GLY A 156 -6.30 20.72 -9.73
N GLU A 157 -7.05 20.11 -8.78
CA GLU A 157 -7.15 20.66 -7.42
C GLU A 157 -6.40 19.83 -6.37
N VAL A 158 -5.33 20.40 -5.82
CA VAL A 158 -4.69 19.80 -4.66
C VAL A 158 -5.48 20.13 -3.37
N ARG A 159 -5.37 19.20 -2.42
CA ARG A 159 -5.83 19.34 -1.03
C ARG A 159 -4.86 18.55 -0.18
N GLN A 160 -4.47 19.10 0.96
CA GLN A 160 -3.55 18.37 1.81
C GLN A 160 -4.04 18.35 3.24
N PHE A 161 -4.31 17.15 3.70
CA PHE A 161 -4.66 16.93 5.09
C PHE A 161 -3.39 16.49 5.71
N ASN A 162 -2.99 17.17 6.76
CA ASN A 162 -2.02 16.62 7.69
C ASN A 162 -2.83 15.87 8.76
N ILE A 163 -2.60 14.56 8.89
CA ILE A 163 -3.20 13.76 9.98
C ILE A 163 -2.34 13.84 11.25
N THR A 164 -2.79 14.67 12.18
CA THR A 164 -2.30 14.72 13.56
C THR A 164 -2.43 13.38 14.30
N ARG A 165 -3.66 13.00 14.63
CA ARG A 165 -3.89 11.81 15.45
C ARG A 165 -4.90 10.86 14.87
N LEU A 166 -4.94 9.68 15.47
CA LEU A 166 -5.93 8.68 15.18
C LEU A 166 -6.48 8.31 16.53
N ILE A 167 -7.75 8.64 16.75
CA ILE A 167 -8.53 8.08 17.88
C ILE A 167 -9.18 6.83 17.35
N ARG A 169 -11.65 3.33 18.69
CA ARG A 169 -12.55 2.67 19.64
C ARG A 169 -13.05 1.46 18.93
N PRO A 170 -13.39 0.42 19.68
CA PRO A 170 -13.82 -0.82 19.04
C PRO A 170 -15.13 -0.55 18.36
N GLN A 171 -15.37 -1.20 17.22
CA GLN A 171 -16.71 -1.23 16.67
C GLN A 171 -17.64 -1.73 17.76
N GLY A 172 -18.87 -1.20 17.77
CA GLY A 172 -19.85 -1.49 18.80
C GLY A 172 -19.82 -0.47 19.95
N VAL A 173 -18.62 -0.05 20.37
CA VAL A 173 -18.45 0.96 21.38
C VAL A 173 -18.75 2.31 20.80
N GLY A 174 -18.27 2.57 19.58
CA GLY A 174 -18.62 3.82 18.89
C GLY A 174 -20.11 4.10 18.97
N ALA A 175 -20.90 3.06 18.75
CA ALA A 175 -22.34 3.22 18.63
C ALA A 175 -22.91 3.37 19.99
N ALA A 176 -22.30 2.74 20.99
CA ALA A 176 -22.80 2.81 22.38
C ALA A 176 -22.68 4.23 22.87
N LEU A 177 -21.46 4.77 22.85
CA LEU A 177 -21.25 6.18 23.20
C LEU A 177 -22.26 7.08 22.56
N TYR A 178 -22.16 7.32 21.28
CA TYR A 178 -23.13 8.18 20.61
C TYR A 178 -24.52 8.07 21.23
N LEU A 179 -25.05 6.88 21.43
CA LEU A 179 -26.35 6.76 22.06
C LEU A 179 -26.31 7.20 23.57
N LEU A 180 -25.24 6.88 24.30
CA LEU A 180 -25.01 7.47 25.62
C LEU A 180 -24.96 8.98 25.59
N ASN A 181 -24.25 9.56 24.64
CA ASN A 181 -24.25 11.00 24.54
C ASN A 181 -25.65 11.55 24.24
N GLN A 182 -26.37 10.94 23.31
CA GLN A 182 -27.77 11.32 23.00
C GLN A 182 -28.78 10.92 24.07
N GLY A 183 -28.37 10.28 25.16
CA GLY A 183 -29.31 9.90 26.19
C GLY A 183 -30.32 8.82 25.83
N ILE A 184 -30.10 8.17 24.69
CA ILE A 184 -30.91 7.06 24.22
C ILE A 184 -30.71 5.80 25.08
N ILE A 185 -29.53 5.72 25.68
CA ILE A 185 -29.22 4.73 26.71
C ILE A 185 -28.58 5.46 27.90
N GLU A 186 -28.52 4.82 29.04
CA GLU A 186 -27.74 5.38 30.12
C GLU A 186 -27.14 4.33 30.98
N GLN A 187 -26.18 4.81 31.76
CA GLN A 187 -25.34 4.01 32.61
C GLN A 187 -26.17 3.48 33.71
N GLN A 188 -25.66 2.43 34.34
CA GLN A 188 -26.40 1.63 35.32
C GLN A 188 -25.80 0.25 35.51
N PRO A 189 -26.31 -0.46 36.51
CA PRO A 189 -26.20 -1.92 36.55
C PRO A 189 -26.70 -2.66 35.27
N GLY A 190 -26.19 -3.89 35.11
CA GLY A 190 -26.48 -4.74 33.95
C GLY A 190 -25.51 -4.62 32.75
N TYR A 191 -25.95 -5.23 31.63
CA TYR A 191 -25.18 -5.36 30.39
C TYR A 191 -25.99 -4.94 29.16
N GLY A 192 -25.42 -4.07 28.34
CA GLY A 192 -25.87 -3.80 26.98
C GLY A 192 -25.28 -4.66 25.85
N VAL A 193 -26.12 -4.95 24.87
CA VAL A 193 -25.78 -5.80 23.76
C VAL A 193 -26.12 -5.00 22.49
N VAL A 194 -25.06 -4.43 21.89
CA VAL A 194 -25.06 -3.85 20.55
C VAL A 194 -24.91 -4.97 19.51
N ILE A 195 -25.88 -5.09 18.61
CA ILE A 195 -25.92 -6.09 17.58
C ILE A 195 -25.84 -5.35 16.26
N ASP A 196 -24.65 -5.29 15.67
CA ASP A 196 -24.35 -4.53 14.46
C ASP A 196 -24.47 -5.36 13.17
N VAL A 197 -25.68 -5.41 12.62
CA VAL A 197 -25.88 -6.09 11.32
C VAL A 197 -25.10 -5.35 10.20
N GLY A 198 -24.16 -6.02 9.57
CA GLY A 198 -23.39 -5.40 8.50
C GLY A 198 -23.73 -6.01 7.17
N SER A 199 -22.85 -5.84 6.19
CA SER A 199 -23.08 -6.44 4.87
C SER A 199 -22.55 -7.89 4.81
N ARG A 200 -21.34 -8.15 5.32
CA ARG A 200 -20.76 -9.48 5.30
C ARG A 200 -20.89 -10.12 6.66
N THR A 201 -20.49 -9.40 7.70
CA THR A 201 -20.40 -9.87 9.12
C THR A 201 -21.52 -9.29 9.99
N THR A 202 -21.96 -9.98 11.04
CA THR A 202 -22.83 -9.43 12.11
C THR A 202 -22.02 -9.41 13.38
N ASP A 203 -21.95 -8.28 14.04
CA ASP A 203 -20.94 -8.05 15.03
C ASP A 203 -21.57 -7.67 16.31
N VAL A 204 -21.49 -8.56 17.30
CA VAL A 204 -22.16 -8.43 18.58
C VAL A 204 -21.18 -8.01 19.70
N LEU A 205 -21.49 -6.98 20.45
CA LEU A 205 -20.57 -6.52 21.49
C LEU A 205 -21.37 -6.35 22.73
N THR A 206 -21.19 -7.27 23.67
CA THR A 206 -21.70 -7.16 25.03
C THR A 206 -20.88 -6.19 25.85
N ILE A 207 -21.56 -5.15 26.31
CA ILE A 207 -20.98 -4.03 27.02
C ILE A 207 -21.61 -3.94 28.41
N ASN A 208 -20.81 -3.68 29.45
CA ASN A 208 -21.34 -3.51 30.83
C ASN A 208 -21.63 -2.04 31.08
N LEU A 209 -22.91 -1.72 31.36
CA LEU A 209 -23.36 -0.29 31.43
C LEU A 209 -22.75 0.51 32.58
N ASP A 211 -19.80 1.05 33.41
CA ASP A 211 -18.63 1.79 33.02
C ASP A 211 -18.43 1.88 31.49
N GLU A 213 -17.65 -0.34 29.46
CA GLU A 213 -16.54 -1.16 29.06
C GLU A 213 -17.06 -2.45 28.44
N PRO A 214 -16.50 -2.86 27.29
CA PRO A 214 -16.89 -4.11 26.63
C PRO A 214 -16.55 -5.34 27.49
N VAL A 215 -17.29 -6.42 27.29
CA VAL A 215 -17.09 -7.67 28.00
C VAL A 215 -16.57 -8.59 26.92
N VAL A 216 -15.26 -8.74 26.93
CA VAL A 216 -14.50 -9.36 25.85
C VAL A 216 -15.00 -10.77 25.60
N GLU A 217 -15.11 -11.54 26.67
CA GLU A 217 -15.47 -12.93 26.55
C GLU A 217 -16.88 -13.06 26.02
N LEU A 218 -17.71 -12.03 26.19
CA LEU A 218 -19.07 -12.11 25.75
C LEU A 218 -19.32 -11.32 24.47
N SER A 219 -18.32 -11.33 23.59
CA SER A 219 -18.23 -10.42 22.46
C SER A 219 -17.62 -11.18 21.29
N PHE A 220 -18.26 -11.09 20.13
CA PHE A 220 -17.83 -11.91 19.04
C PHE A 220 -18.35 -11.38 17.69
N SER A 221 -18.04 -12.11 16.61
CA SER A 221 -18.45 -11.73 15.28
C SER A 221 -19.03 -12.90 14.51
N LEU A 222 -20.23 -12.80 14.02
CA LEU A 222 -20.70 -13.80 13.09
C LEU A 222 -20.27 -13.39 11.71
N GLN A 223 -20.10 -14.34 10.78
CA GLN A 223 -19.74 -14.01 9.40
C GLN A 223 -21.00 -14.27 8.61
N ILE A 224 -22.03 -13.50 8.97
CA ILE A 224 -23.33 -13.58 8.36
C ILE A 224 -23.91 -12.16 8.33
N GLY A 225 -24.09 -11.61 7.12
CA GLY A 225 -24.47 -10.23 6.95
C GLY A 225 -25.72 -10.04 6.09
N VAL A 226 -25.70 -9.02 5.22
CA VAL A 226 -26.85 -8.74 4.35
C VAL A 226 -26.68 -9.42 2.96
N GLY A 227 -25.43 -9.45 2.47
CA GLY A 227 -25.11 -10.08 1.20
C GLY A 227 -25.87 -11.38 1.14
N ASP A 228 -25.89 -12.09 2.27
CA ASP A 228 -26.48 -13.38 2.30
C ASP A 228 -27.93 -13.31 1.86
N ALA A 229 -28.69 -12.35 2.41
CA ALA A 229 -30.06 -12.08 1.96
C ALA A 229 -30.05 -11.58 0.53
N ILE A 230 -29.04 -10.81 0.17
CA ILE A 230 -28.95 -10.32 -1.19
C ILE A 230 -28.89 -11.54 -2.08
N SER A 231 -27.78 -12.25 -2.06
CA SER A 231 -27.56 -13.42 -2.92
C SER A 231 -28.64 -14.48 -2.74
N ALA A 232 -29.00 -14.77 -1.49
CA ALA A 232 -30.22 -15.56 -1.28
C ALA A 232 -31.28 -15.12 -2.28
N LEU A 233 -31.20 -13.88 -2.74
CA LEU A 233 -32.06 -13.36 -3.82
C LEU A 233 -31.49 -13.42 -5.23
N SER A 234 -30.39 -12.76 -5.54
CA SER A 234 -29.90 -12.86 -6.93
C SER A 234 -30.01 -14.33 -7.45
N ARG A 235 -29.19 -15.24 -6.91
CA ARG A 235 -29.47 -16.68 -6.98
C ARG A 235 -30.96 -17.04 -7.21
N LYS A 236 -31.83 -16.70 -6.23
CA LYS A 236 -33.26 -17.04 -6.27
C LYS A 236 -33.94 -16.69 -7.58
N ILE A 237 -33.69 -15.47 -8.08
CA ILE A 237 -34.27 -15.03 -9.34
C ILE A 237 -34.05 -16.10 -10.42
N ALA A 238 -32.83 -16.24 -10.96
CA ALA A 238 -32.61 -17.09 -12.15
C ALA A 238 -33.23 -18.49 -12.01
N LYS A 239 -33.08 -19.10 -10.83
CA LYS A 239 -33.66 -20.41 -10.49
C LYS A 239 -35.21 -20.48 -10.60
N GLU A 240 -35.82 -19.36 -11.01
CA GLU A 240 -37.23 -19.25 -11.42
C GLU A 240 -37.36 -18.36 -12.68
N THR A 241 -37.01 -17.08 -12.55
CA THR A 241 -37.13 -16.11 -13.63
C THR A 241 -36.23 -16.42 -14.84
N GLY A 242 -34.92 -16.14 -14.78
CA GLY A 242 -34.06 -16.46 -15.90
C GLY A 242 -32.68 -15.83 -15.99
N PHE A 243 -32.58 -14.50 -15.89
CA PHE A 243 -31.26 -13.84 -16.02
C PHE A 243 -30.55 -13.67 -14.65
N VAL A 244 -29.37 -13.06 -14.66
CA VAL A 244 -28.61 -12.79 -13.43
C VAL A 244 -28.99 -11.40 -12.95
N VAL A 245 -29.60 -11.30 -11.76
CA VAL A 245 -30.05 -9.98 -11.23
C VAL A 245 -28.93 -9.31 -10.42
N PRO A 246 -28.30 -8.26 -10.97
CA PRO A 246 -27.04 -7.72 -10.42
C PRO A 246 -27.15 -6.92 -9.10
N PHE A 247 -26.00 -6.62 -8.52
CA PHE A 247 -25.86 -6.34 -7.08
C PHE A 247 -26.97 -5.45 -6.52
N ASP A 248 -27.12 -4.29 -7.12
CA ASP A 248 -27.68 -3.14 -6.45
C ASP A 248 -29.22 -3.16 -6.56
N LEU A 249 -29.71 -3.73 -7.66
CA LEU A 249 -31.12 -4.07 -7.78
C LEU A 249 -31.44 -5.10 -6.70
N ALA A 250 -30.53 -6.06 -6.54
CA ALA A 250 -30.64 -7.12 -5.52
C ALA A 250 -30.65 -6.57 -4.09
N GLN A 251 -29.71 -5.67 -3.80
CA GLN A 251 -29.70 -4.89 -2.56
C GLN A 251 -31.10 -4.28 -2.35
N GLU A 252 -31.45 -3.28 -3.16
CA GLU A 252 -32.78 -2.67 -3.19
C GLU A 252 -33.92 -3.63 -2.99
N ALA A 253 -33.84 -4.77 -3.63
CA ALA A 253 -34.95 -5.71 -3.69
C ALA A 253 -35.28 -6.27 -2.31
N LEU A 254 -34.31 -6.29 -1.40
CA LEU A 254 -34.62 -6.68 -0.03
C LEU A 254 -35.73 -5.78 0.59
N SER A 255 -35.70 -4.48 0.28
CA SER A 255 -36.62 -3.50 0.88
C SER A 255 -37.72 -2.98 -0.08
N HIS A 256 -37.51 -3.10 -1.41
CA HIS A 256 -38.41 -2.51 -2.45
C HIS A 256 -38.25 -3.08 -3.89
N PRO A 257 -39.34 -3.32 -4.63
CA PRO A 257 -39.33 -3.90 -6.02
C PRO A 257 -38.44 -3.26 -7.13
N VAL A 258 -38.24 -3.89 -8.29
CA VAL A 258 -37.11 -3.53 -9.23
C VAL A 258 -37.39 -3.71 -10.76
N PHE A 260 -34.69 -4.71 -14.56
CA PHE A 260 -33.44 -4.79 -15.35
C PHE A 260 -33.69 -5.59 -16.66
N ARG A 261 -33.76 -4.90 -17.81
CA ARG A 261 -34.07 -5.52 -19.11
C ARG A 261 -35.60 -5.62 -19.38
N GLN A 262 -36.34 -4.62 -18.86
CA GLN A 262 -37.81 -4.65 -18.69
C GLN A 262 -38.31 -5.93 -17.99
N LYS A 263 -37.74 -6.19 -16.82
CA LYS A 263 -38.06 -7.37 -16.02
C LYS A 263 -38.17 -7.02 -14.50
N GLN A 264 -39.39 -7.14 -13.97
CA GLN A 264 -39.77 -6.58 -12.67
C GLN A 264 -39.65 -7.60 -11.54
N VAL A 265 -38.40 -7.90 -11.16
CA VAL A 265 -38.08 -8.97 -10.20
C VAL A 265 -37.74 -8.44 -8.82
N GLY A 266 -38.57 -8.74 -7.83
CA GLY A 266 -38.27 -8.42 -6.45
C GLY A 266 -39.51 -8.04 -5.66
N GLY A 267 -39.42 -8.15 -4.32
CA GLY A 267 -40.38 -7.49 -3.43
C GLY A 267 -40.80 -8.11 -2.09
N PRO A 268 -40.82 -7.30 -1.01
CA PRO A 268 -40.97 -7.68 0.43
C PRO A 268 -41.80 -8.90 0.91
N GLU A 269 -42.96 -9.18 0.32
CA GLU A 269 -43.75 -10.35 0.69
C GLU A 269 -43.07 -11.65 0.23
N VAL A 270 -42.32 -11.59 -0.87
CA VAL A 270 -41.33 -12.61 -1.19
C VAL A 270 -40.19 -12.64 -0.13
N SER A 271 -39.69 -11.46 0.22
CA SER A 271 -38.47 -11.30 1.03
C SER A 271 -38.52 -11.81 2.47
N GLY A 272 -39.72 -12.14 2.98
CA GLY A 272 -39.83 -12.72 4.31
C GLY A 272 -38.98 -13.99 4.48
N PRO A 273 -39.42 -15.09 3.88
CA PRO A 273 -38.67 -16.36 3.87
C PRO A 273 -37.14 -16.24 3.87
N ILE A 274 -36.57 -15.12 3.40
CA ILE A 274 -35.11 -14.91 3.51
C ILE A 274 -34.66 -14.25 4.86
N LEU A 275 -35.20 -13.07 5.13
CA LEU A 275 -34.70 -12.22 6.20
C LEU A 275 -35.00 -12.77 7.60
N GLU A 276 -36.07 -13.58 7.71
CA GLU A 276 -36.32 -14.35 8.94
C GLU A 276 -35.23 -15.40 9.14
N ASP A 277 -34.76 -16.01 8.07
CA ASP A 277 -33.70 -17.02 8.20
C ASP A 277 -32.43 -16.30 8.59
N LEU A 278 -32.02 -15.32 7.78
CA LEU A 278 -30.94 -14.40 8.14
C LEU A 278 -31.04 -13.99 9.59
N ALA A 279 -32.23 -13.50 9.98
CA ALA A 279 -32.45 -13.03 11.34
C ALA A 279 -32.26 -14.14 12.35
N ASN A 280 -32.80 -15.32 12.08
CA ASN A 280 -32.80 -16.43 13.03
C ASN A 280 -31.41 -16.96 13.22
N ARG A 281 -30.79 -17.38 12.13
CA ARG A 281 -29.35 -17.63 12.10
C ARG A 281 -28.55 -16.68 13.03
N ILE A 282 -28.63 -15.35 12.80
CA ILE A 282 -28.06 -14.37 13.74
C ILE A 282 -28.54 -14.62 15.18
N ILE A 283 -29.86 -14.66 15.40
CA ILE A 283 -30.38 -14.83 16.75
C ILE A 283 -29.89 -16.14 17.40
N GLU A 284 -30.13 -17.27 16.72
CA GLU A 284 -29.71 -18.54 17.28
C GLU A 284 -28.25 -18.42 17.70
N ASN A 285 -27.39 -18.16 16.73
CA ASN A 285 -25.96 -18.00 17.00
C ASN A 285 -25.57 -17.12 18.20
N ILE A 286 -26.43 -16.13 18.54
CA ILE A 286 -26.25 -15.30 19.76
C ILE A 286 -26.60 -16.04 21.08
N ARG A 287 -27.62 -16.88 21.05
CA ARG A 287 -27.98 -17.67 22.21
C ARG A 287 -26.90 -18.67 22.50
N LEU A 288 -26.35 -19.19 21.42
CA LEU A 288 -25.19 -20.11 21.46
C LEU A 288 -23.99 -19.51 22.20
N ASN A 289 -23.68 -18.26 21.88
CA ASN A 289 -22.54 -17.61 22.49
C ASN A 289 -22.82 -17.08 23.87
N LEU A 290 -23.98 -16.49 24.07
CA LEU A 290 -24.22 -15.72 25.28
C LEU A 290 -24.78 -16.55 26.44
N ARG A 291 -25.77 -17.41 26.17
CA ARG A 291 -26.26 -18.41 27.17
C ARG A 291 -26.77 -17.83 28.50
N GLY A 292 -26.76 -18.64 29.55
CA GLY A 292 -27.00 -18.17 30.91
C GLY A 292 -26.88 -16.65 31.09
N GLU A 293 -25.78 -16.10 30.54
CA GLU A 293 -25.49 -14.66 30.61
C GLU A 293 -26.50 -13.74 29.87
N VAL A 294 -27.43 -14.31 29.10
CA VAL A 294 -28.55 -13.54 28.53
C VAL A 294 -29.48 -13.00 29.64
N ASP A 295 -29.25 -13.39 30.89
CA ASP A 295 -30.03 -12.88 32.03
C ASP A 295 -29.50 -11.57 32.62
N ARG A 296 -28.23 -11.25 32.42
CA ARG A 296 -27.75 -9.94 32.88
C ARG A 296 -28.02 -8.80 31.88
N VAL A 297 -28.72 -9.08 30.77
CA VAL A 297 -28.89 -8.13 29.68
C VAL A 297 -30.04 -7.15 29.94
N THR A 298 -29.74 -5.86 30.04
CA THR A 298 -30.76 -4.81 30.21
C THR A 298 -31.11 -4.07 28.93
N SER A 299 -30.17 -3.95 27.99
CA SER A 299 -30.46 -3.27 26.73
C SER A 299 -29.87 -3.98 25.52
N LEU A 300 -30.72 -4.06 24.50
CA LEU A 300 -30.45 -4.70 23.24
C LEU A 300 -30.49 -3.56 22.23
N ILE A 301 -29.53 -3.51 21.33
CA ILE A 301 -29.22 -2.28 20.62
C ILE A 301 -28.87 -2.64 19.16
N PRO A 302 -29.87 -2.98 18.36
CA PRO A 302 -29.71 -3.13 16.91
C PRO A 302 -29.06 -1.96 16.26
N VAL A 303 -28.03 -2.15 15.49
CA VAL A 303 -27.30 -1.05 14.87
C VAL A 303 -26.83 -1.53 13.48
N GLY A 304 -26.21 -0.68 12.69
CA GLY A 304 -25.81 -1.10 11.35
C GLY A 304 -26.96 -1.17 10.33
N GLY A 305 -26.62 -1.18 9.05
CA GLY A 305 -27.60 -1.11 7.99
C GLY A 305 -28.70 -2.16 8.03
N GLY A 306 -28.40 -3.37 8.50
CA GLY A 306 -29.33 -4.46 8.32
C GLY A 306 -30.39 -4.44 9.38
N SER A 307 -30.15 -3.68 10.44
CA SER A 307 -31.14 -3.57 11.51
C SER A 307 -32.33 -2.86 10.89
N ASN A 308 -32.11 -2.13 9.77
CA ASN A 308 -33.22 -1.64 8.91
C ASN A 308 -34.18 -2.66 8.27
N LEU A 309 -33.96 -3.95 8.44
CA LEU A 309 -34.82 -4.96 7.84
C LEU A 309 -35.20 -5.94 8.92
N ILE A 310 -34.20 -6.41 9.64
CA ILE A 310 -34.41 -7.40 10.67
C ILE A 310 -34.02 -6.86 12.03
N GLY A 311 -34.21 -5.57 12.23
CA GLY A 311 -33.86 -4.98 13.50
C GLY A 311 -34.78 -5.46 14.61
N ASP A 312 -36.02 -4.97 14.57
CA ASP A 312 -37.08 -5.33 15.53
C ASP A 312 -37.18 -6.82 15.92
N ARG A 313 -36.83 -7.67 14.97
CA ARG A 313 -36.79 -9.09 15.18
C ARG A 313 -35.84 -9.52 16.28
N PHE A 314 -35.15 -8.61 16.95
CA PHE A 314 -34.05 -8.99 17.84
C PHE A 314 -34.46 -8.87 19.26
N GLU A 315 -35.74 -8.59 19.49
CA GLU A 315 -36.23 -8.34 20.84
C GLU A 315 -36.20 -9.62 21.67
N GLU A 316 -36.52 -10.75 21.00
CA GLU A 316 -36.79 -12.01 21.69
C GLU A 316 -35.59 -12.63 22.40
N ILE A 317 -34.38 -12.13 22.12
CA ILE A 317 -33.19 -12.46 22.90
C ILE A 317 -33.39 -12.01 24.34
N ALA A 318 -34.03 -10.86 24.53
CA ALA A 318 -34.31 -10.36 25.88
C ALA A 318 -35.28 -9.16 25.80
N PRO A 319 -36.59 -9.39 26.03
CA PRO A 319 -37.61 -8.52 25.45
C PRO A 319 -37.93 -7.37 26.38
N GLY A 320 -38.37 -6.24 25.82
CA GLY A 320 -38.45 -4.99 26.57
C GLY A 320 -37.10 -4.60 27.18
N THR A 321 -36.02 -4.92 26.45
CA THR A 321 -34.68 -4.34 26.63
C THR A 321 -34.28 -3.56 25.37
N LEU A 322 -35.03 -3.77 24.28
CA LEU A 322 -34.87 -2.96 23.07
C LEU A 322 -34.83 -1.49 23.39
N VAL A 323 -34.12 -0.79 22.51
CA VAL A 323 -33.72 0.60 22.71
C VAL A 323 -33.98 1.31 21.38
N LYS A 324 -34.74 2.40 21.46
CA LYS A 324 -35.25 3.00 20.25
C LYS A 324 -34.24 3.92 19.63
N ILE A 325 -34.08 3.78 18.32
CA ILE A 325 -33.06 4.47 17.53
C ILE A 325 -33.66 4.74 16.15
N LYS A 326 -33.48 5.98 15.71
CA LYS A 326 -34.02 6.43 14.45
C LYS A 326 -33.40 5.62 13.33
N PRO A 327 -34.24 5.14 12.44
CA PRO A 327 -33.74 4.35 11.32
C PRO A 327 -32.48 4.92 10.64
N GLU A 328 -32.45 6.22 10.41
CA GLU A 328 -31.39 6.90 9.66
C GLU A 328 -30.07 6.92 10.43
N ASP A 329 -30.14 6.66 11.72
CA ASP A 329 -29.01 6.72 12.61
C ASP A 329 -28.33 5.34 12.75
N LEU A 330 -28.79 4.34 12.04
CA LEU A 330 -28.34 3.00 12.33
C LEU A 330 -27.03 2.67 11.62
N GLN A 331 -26.96 2.80 10.29
CA GLN A 331 -25.67 2.82 9.59
C GLN A 331 -24.70 3.88 10.18
N PHE A 332 -25.12 4.89 10.94
CA PHE A 332 -24.12 5.92 11.31
C PHE A 332 -23.74 6.05 12.82
N ALA A 333 -24.53 5.46 13.71
CA ALA A 333 -24.17 5.30 15.12
C ALA A 333 -22.67 5.10 15.42
N ASN A 334 -21.95 4.24 14.70
CA ASN A 334 -20.54 4.05 15.01
C ASN A 334 -19.67 5.22 14.61
N ALA A 335 -19.78 5.68 13.34
CA ALA A 335 -18.94 6.79 12.89
C ALA A 335 -19.20 7.98 13.75
N LEU A 336 -20.49 8.15 14.05
CA LEU A 336 -20.94 9.32 14.80
C LEU A 336 -20.25 9.32 16.12
N GLY A 337 -20.13 8.12 16.71
CA GLY A 337 -19.47 7.95 17.98
C GLY A 337 -17.97 7.97 17.86
N TYR A 338 -17.39 7.58 16.74
CA TYR A 338 -15.94 7.57 16.63
C TYR A 338 -15.50 9.05 16.68
N ARG A 339 -16.13 9.91 15.85
CA ARG A 339 -15.97 11.39 15.90
C ARG A 339 -16.20 11.92 17.29
N ASP A 340 -17.33 11.62 17.94
CA ASP A 340 -17.53 12.12 19.31
C ASP A 340 -16.28 11.83 20.13
N ALA A 341 -15.78 10.60 20.04
CA ALA A 341 -14.65 10.14 20.81
C ALA A 341 -13.48 11.03 20.56
N ALA A 342 -13.35 11.39 19.29
CA ALA A 342 -12.26 12.22 18.78
C ALA A 342 -12.25 13.59 19.47
N GLU A 343 -13.44 14.16 19.68
CA GLU A 343 -13.56 15.46 20.38
C GLU A 343 -13.24 15.37 21.86
N ARG A 344 -13.81 14.37 22.55
CA ARG A 344 -13.54 14.14 23.98
C ARG A 344 -12.05 14.19 24.38
N SER A 345 -11.11 13.79 23.50
CA SER A 345 -9.66 14.01 23.76
C SER A 345 -9.14 15.43 23.33
N VAL B 22 16.48 -22.48 -12.58
CA VAL B 22 15.74 -21.29 -12.14
C VAL B 22 16.61 -20.04 -12.38
N VAL B 23 15.92 -18.94 -12.63
CA VAL B 23 16.57 -17.72 -13.04
C VAL B 23 16.19 -16.57 -12.12
N VAL B 24 17.22 -15.98 -11.51
CA VAL B 24 17.07 -14.72 -10.81
C VAL B 24 17.89 -13.66 -11.53
N GLY B 25 17.36 -12.45 -11.62
CA GLY B 25 18.15 -11.29 -11.99
C GLY B 25 18.35 -10.39 -10.79
N LEU B 26 19.55 -9.89 -10.59
CA LEU B 26 19.88 -9.19 -9.36
C LEU B 26 20.73 -7.96 -9.65
N ASP B 27 20.57 -6.91 -8.85
CA ASP B 27 21.20 -5.62 -9.05
C ASP B 27 21.50 -4.98 -7.66
N VAL B 28 22.65 -5.31 -7.10
CA VAL B 28 23.02 -4.89 -5.74
C VAL B 28 23.67 -3.53 -5.95
N GLY B 29 22.86 -2.49 -5.90
CA GLY B 29 23.35 -1.13 -6.06
C GLY B 29 23.75 -0.58 -4.72
N TYR B 30 24.32 0.62 -4.73
CA TYR B 30 24.84 1.21 -3.49
C TYR B 30 23.76 1.37 -2.42
N GLY B 31 22.55 1.69 -2.87
CA GLY B 31 21.44 2.03 -2.00
C GLY B 31 20.51 0.87 -1.73
N ASP B 32 19.94 0.32 -2.79
CA ASP B 32 19.13 -0.85 -2.66
C ASP B 32 19.65 -1.94 -3.56
N THR B 33 19.55 -3.16 -3.04
CA THR B 33 19.56 -4.37 -3.83
C THR B 33 18.24 -4.42 -4.57
N LYS B 34 18.24 -5.04 -5.74
CA LYS B 34 17.04 -5.12 -6.53
C LYS B 34 16.95 -6.51 -7.10
N VAL B 35 15.88 -7.22 -6.86
CA VAL B 35 15.91 -8.57 -7.38
C VAL B 35 14.61 -8.93 -8.07
N ILE B 36 14.72 -9.59 -9.22
CA ILE B 36 13.58 -10.11 -9.94
C ILE B 36 13.59 -11.59 -9.73
N GLY B 37 12.47 -12.13 -9.27
CA GLY B 37 12.39 -13.53 -8.92
C GLY B 37 11.25 -14.23 -9.61
N VAL B 38 10.26 -14.62 -8.79
CA VAL B 38 9.36 -15.75 -9.10
C VAL B 38 8.18 -15.29 -9.92
N ASP B 39 8.03 -15.86 -11.12
CA ASP B 39 7.14 -15.26 -12.12
C ASP B 39 7.42 -13.77 -12.12
N GLY B 40 8.71 -13.42 -12.17
CA GLY B 40 9.17 -12.05 -12.12
C GLY B 40 8.66 -11.13 -11.05
N LYS B 41 8.70 -11.58 -9.79
CA LYS B 41 8.38 -10.73 -8.62
C LYS B 41 9.52 -9.70 -8.25
N ARG B 42 9.09 -8.55 -7.73
CA ARG B 42 9.98 -7.47 -7.47
C ARG B 42 10.21 -7.40 -6.00
N ILE B 43 11.33 -7.95 -5.57
CA ILE B 43 11.93 -7.58 -4.28
C ILE B 43 12.82 -6.32 -4.34
N ILE B 44 12.96 -5.65 -3.20
CA ILE B 44 13.86 -4.53 -3.02
C ILE B 44 14.08 -4.25 -1.52
N PHE B 45 15.26 -4.53 -0.98
CA PHE B 45 15.61 -4.07 0.36
C PHE B 45 16.76 -3.09 0.30
N PRO B 46 16.82 -2.10 1.19
CA PRO B 46 18.00 -1.24 1.25
C PRO B 46 19.25 -2.08 1.41
N SER B 47 20.38 -1.57 0.92
CA SER B 47 21.61 -2.34 0.72
C SER B 47 22.49 -2.23 1.94
N ARG B 48 22.03 -2.89 3.00
CA ARG B 48 22.65 -2.85 4.33
C ARG B 48 22.29 -4.07 5.14
N TRP B 49 23.35 -4.76 5.57
CA TRP B 49 23.30 -5.75 6.62
C TRP B 49 24.01 -5.20 7.88
N ALA B 50 23.82 -5.87 9.01
CA ALA B 50 24.51 -5.54 10.29
C ALA B 50 24.53 -6.77 11.20
N VAL B 51 25.66 -6.99 11.87
CA VAL B 51 25.90 -8.22 12.63
C VAL B 51 25.16 -8.20 13.98
N THR B 52 24.81 -9.40 14.47
CA THR B 52 24.25 -9.57 15.82
C THR B 52 24.75 -10.83 16.54
N ILE B 63 11.04 -9.64 10.45
CA ILE B 63 12.36 -9.31 11.00
C ILE B 63 13.31 -10.54 10.96
N PRO B 64 14.08 -10.67 9.89
CA PRO B 64 14.89 -11.87 9.66
C PRO B 64 16.31 -11.71 10.14
N VAL B 65 16.72 -12.58 11.05
CA VAL B 65 18.13 -12.84 11.22
C VAL B 65 18.32 -13.96 10.22
N LEU B 66 19.46 -13.98 9.51
CA LEU B 66 19.81 -15.08 8.60
C LEU B 66 21.29 -15.36 8.74
N SER B 67 21.83 -16.33 7.98
CA SER B 67 23.21 -16.80 8.20
C SER B 67 23.79 -17.64 7.05
N THR B 68 25.02 -17.33 6.64
CA THR B 68 25.67 -17.97 5.49
C THR B 68 26.61 -19.09 5.88
N ASP B 69 27.17 -18.98 7.08
CA ASP B 69 28.06 -20.02 7.66
C ASP B 69 27.24 -21.12 8.34
N GLY B 70 26.14 -20.71 8.96
CA GLY B 70 25.31 -21.60 9.73
C GLY B 70 25.66 -21.37 11.17
N GLY B 71 24.89 -20.50 11.84
CA GLY B 71 25.05 -20.26 13.26
C GLY B 71 26.04 -19.16 13.60
N GLN B 72 27.27 -19.55 13.94
CA GLN B 72 28.38 -18.61 14.23
C GLN B 72 28.14 -17.17 13.70
N THR B 73 28.26 -17.01 12.39
CA THR B 73 27.91 -15.80 11.67
C THR B 73 26.37 -15.61 11.71
N LYS B 74 25.89 -14.37 11.84
CA LYS B 74 24.44 -14.12 11.81
C LYS B 74 24.06 -12.64 11.85
N PHE B 75 23.21 -12.23 10.91
CA PHE B 75 22.90 -10.83 10.63
C PHE B 75 21.45 -10.58 10.23
N ILE B 76 20.97 -9.37 10.47
CA ILE B 76 19.80 -8.87 9.77
C ILE B 76 20.20 -8.00 8.55
N TYR B 77 19.29 -7.87 7.57
CA TYR B 77 19.45 -6.95 6.43
C TYR B 77 18.30 -5.97 6.31
N GLY B 78 18.39 -5.08 5.35
CA GLY B 78 17.26 -4.27 4.95
C GLY B 78 17.04 -3.04 5.80
N LYS B 79 15.78 -2.57 5.80
CA LYS B 79 15.36 -1.34 6.49
C LYS B 79 15.58 -1.39 7.99
N TYR B 80 15.52 -2.60 8.52
CA TYR B 80 15.54 -2.81 9.95
C TYR B 80 16.95 -2.75 10.53
N ALA B 81 17.95 -3.26 9.81
CA ALA B 81 19.35 -3.10 10.30
C ALA B 81 19.68 -1.60 10.51
N SER B 82 20.43 -1.34 11.60
CA SER B 82 20.49 -0.04 12.32
C SER B 82 21.62 -0.09 13.37
N GLY B 83 22.38 1.01 13.50
CA GLY B 83 23.53 1.03 14.40
C GLY B 83 24.86 1.50 13.82
N ASN B 84 25.95 1.19 14.54
CA ASN B 84 27.27 1.75 14.26
C ASN B 84 28.09 0.80 13.36
N ASN B 85 28.18 -0.48 13.74
CA ASN B 85 28.84 -1.50 12.90
C ASN B 85 27.93 -2.08 11.76
N ILE B 86 27.45 -1.17 10.90
CA ILE B 86 26.57 -1.44 9.75
C ILE B 86 27.36 -1.56 8.45
N ARG B 87 27.15 -2.67 7.74
CA ARG B 87 27.80 -2.93 6.45
C ARG B 87 27.00 -2.37 5.25
N VAL B 88 27.73 -1.82 4.27
CA VAL B 88 27.14 -1.36 2.97
C VAL B 88 28.09 -1.67 1.77
N PRO B 89 27.59 -1.54 0.53
CA PRO B 89 28.47 -1.73 -0.62
C PRO B 89 29.32 -0.46 -0.86
N GLN B 90 30.55 -0.68 -1.33
CA GLN B 90 31.56 0.37 -1.53
C GLN B 90 31.53 0.83 -2.94
N GLY B 91 31.28 -0.14 -3.84
CA GLY B 91 31.05 0.07 -5.27
C GLY B 91 29.66 -0.41 -5.69
N ASP B 92 29.17 0.16 -6.81
CA ASP B 92 27.95 -0.31 -7.50
C ASP B 92 28.26 -1.63 -8.17
N GLY B 93 27.36 -2.58 -8.10
CA GLY B 93 27.52 -3.82 -8.81
C GLY B 93 28.81 -4.57 -8.52
N ARG B 94 29.24 -4.60 -7.25
CA ARG B 94 30.40 -5.40 -6.90
C ARG B 94 29.90 -6.61 -6.15
N LEU B 95 29.77 -7.74 -6.84
CA LEU B 95 29.17 -8.93 -6.21
C LEU B 95 30.23 -9.84 -5.57
N ALA B 96 31.48 -9.63 -5.96
CA ALA B 96 32.59 -10.37 -5.39
C ALA B 96 33.02 -9.76 -4.05
N SER B 97 32.56 -8.55 -3.78
CA SER B 97 32.96 -7.86 -2.59
C SER B 97 32.39 -8.59 -1.37
N LYS B 98 33.03 -8.44 -0.21
CA LYS B 98 32.55 -8.99 1.06
C LYS B 98 31.48 -8.11 1.76
N GLU B 99 31.08 -7.03 1.09
CA GLU B 99 30.00 -6.19 1.56
C GLU B 99 28.71 -6.59 0.84
N ALA B 100 28.77 -7.65 0.04
CA ALA B 100 27.68 -7.97 -0.86
C ALA B 100 27.14 -9.37 -0.66
N PHE B 101 28.04 -10.32 -0.47
CA PHE B 101 27.65 -11.72 -0.25
C PHE B 101 26.41 -11.90 0.61
N PRO B 102 26.38 -11.33 1.81
CA PRO B 102 25.18 -11.41 2.64
C PRO B 102 23.98 -10.78 1.96
N LEU B 103 24.14 -9.67 1.22
CA LEU B 103 23.03 -9.11 0.42
C LEU B 103 22.55 -10.08 -0.66
N ILE B 104 23.48 -10.69 -1.37
CA ILE B 104 23.11 -11.57 -2.48
C ILE B 104 22.21 -12.67 -1.94
N ALA B 105 22.74 -13.37 -0.94
CA ALA B 105 22.08 -14.54 -0.38
C ALA B 105 20.81 -14.13 0.39
N ALA B 106 20.89 -13.00 1.07
CA ALA B 106 19.69 -12.29 1.48
C ALA B 106 18.70 -12.08 0.32
N ALA B 107 19.19 -11.91 -0.91
CA ALA B 107 18.28 -11.76 -2.07
C ALA B 107 17.66 -13.11 -2.45
N LEU B 108 18.54 -14.09 -2.65
CA LEU B 108 18.11 -15.45 -3.00
C LEU B 108 17.04 -15.93 -2.03
N TRP B 109 17.14 -15.48 -0.78
CA TRP B 109 16.16 -15.88 0.23
C TRP B 109 14.79 -15.41 -0.20
N GLU B 110 14.65 -14.09 -0.33
CA GLU B 110 13.35 -13.45 -0.53
C GLU B 110 12.75 -13.78 -1.90
N SER B 111 13.41 -14.61 -2.68
CA SER B 111 12.88 -15.06 -3.97
C SER B 111 12.30 -16.48 -3.95
N GLY B 112 11.68 -16.90 -2.85
CA GLY B 112 10.91 -18.13 -2.82
C GLY B 112 11.46 -19.28 -3.68
N ILE B 113 12.41 -20.02 -3.11
CA ILE B 113 12.91 -21.28 -3.65
C ILE B 113 12.31 -22.43 -2.82
N HIS B 114 12.53 -23.67 -3.26
CA HIS B 114 11.97 -24.81 -2.52
C HIS B 114 12.66 -26.15 -2.88
N ASN B 115 13.14 -26.86 -1.84
CA ASN B 115 13.55 -28.27 -1.93
C ASN B 115 12.44 -29.24 -1.52
N VAL B 120 17.64 -26.69 -5.69
CA VAL B 120 17.44 -25.32 -6.27
C VAL B 120 18.62 -24.98 -7.18
N ASP B 121 18.46 -25.19 -8.48
CA ASP B 121 19.54 -24.89 -9.40
C ASP B 121 19.22 -23.51 -10.07
N LEU B 122 20.09 -22.51 -9.83
CA LEU B 122 19.83 -21.11 -10.21
C LEU B 122 20.96 -20.50 -11.05
N VAL B 123 20.59 -19.87 -12.17
CA VAL B 123 21.45 -18.91 -12.86
C VAL B 123 21.16 -17.53 -12.30
N ILE B 124 22.12 -16.62 -12.43
CA ILE B 124 21.92 -15.25 -11.99
C ILE B 124 22.30 -14.33 -13.13
N GLY B 125 21.47 -13.33 -13.35
CA GLY B 125 21.85 -12.26 -14.23
C GLY B 125 22.01 -11.01 -13.42
N SER B 126 23.14 -10.32 -13.57
CA SER B 126 23.33 -9.05 -12.88
C SER B 126 24.04 -8.08 -13.79
N GLY B 127 24.53 -6.99 -13.24
CA GLY B 127 25.35 -6.07 -13.98
C GLY B 127 26.30 -5.33 -13.07
N THR B 128 26.90 -4.28 -13.61
CA THR B 128 28.10 -3.65 -13.10
C THR B 128 28.58 -2.65 -14.18
N PRO B 129 28.97 -1.42 -13.81
CA PRO B 129 29.13 -0.38 -14.82
C PRO B 129 30.27 -0.70 -15.79
N LEU B 130 30.11 -0.19 -17.00
CA LEU B 130 31.00 -0.44 -18.15
C LEU B 130 32.42 -0.01 -17.81
N GLY B 131 32.55 1.18 -17.25
CA GLY B 131 33.86 1.68 -16.88
C GLY B 131 34.83 0.58 -16.55
N THR B 132 34.37 -0.37 -15.73
CA THR B 132 35.18 -1.46 -15.22
C THR B 132 34.45 -2.76 -15.48
N PHE B 133 33.94 -2.95 -16.68
CA PHE B 133 33.06 -4.08 -16.86
C PHE B 133 33.74 -5.44 -16.61
N ASP B 134 35.01 -5.58 -16.97
CA ASP B 134 35.60 -6.91 -17.12
C ASP B 134 36.25 -7.42 -15.85
N LEU B 135 37.01 -6.58 -15.15
CA LEU B 135 37.61 -7.02 -13.89
C LEU B 135 36.48 -7.49 -13.01
N GLU B 136 35.33 -6.79 -13.05
CA GLU B 136 34.31 -7.01 -12.06
C GLU B 136 33.53 -8.24 -12.35
N VAL B 137 33.44 -8.56 -13.62
CA VAL B 137 32.81 -9.80 -14.09
C VAL B 137 33.66 -11.05 -13.74
N LYS B 138 34.99 -10.88 -13.58
CA LYS B 138 35.88 -11.96 -13.13
C LYS B 138 35.61 -12.26 -11.65
N ALA B 139 35.69 -11.24 -10.82
CA ALA B 139 35.51 -11.44 -9.39
C ALA B 139 34.13 -12.05 -9.16
N ALA B 140 33.13 -11.40 -9.73
CA ALA B 140 31.77 -11.94 -9.78
C ALA B 140 31.66 -13.47 -9.98
N LYS B 141 32.34 -14.06 -10.98
CA LYS B 141 32.19 -15.51 -11.22
C LYS B 141 33.07 -16.44 -10.30
N GLU B 142 34.28 -16.00 -9.98
CA GLU B 142 35.11 -16.69 -8.99
C GLU B 142 34.35 -16.91 -7.66
N ALA B 143 33.84 -15.83 -7.09
CA ALA B 143 32.97 -15.85 -5.90
C ALA B 143 31.67 -16.70 -5.98
N LEU B 144 30.99 -16.75 -7.14
CA LEU B 144 29.68 -17.42 -7.21
C LEU B 144 29.45 -18.47 -8.31
N GLU B 145 30.04 -18.28 -9.48
CA GLU B 145 29.88 -19.28 -10.51
C GLU B 145 30.41 -20.53 -9.89
N ASN B 146 29.63 -21.63 -9.98
CA ASN B 146 29.88 -22.85 -9.22
C ASN B 146 30.32 -22.62 -7.76
N LYS B 147 29.37 -22.23 -6.92
CA LYS B 147 29.52 -22.27 -5.47
C LYS B 147 28.15 -22.68 -4.92
N VAL B 148 27.97 -22.71 -3.60
CA VAL B 148 26.63 -22.87 -3.01
C VAL B 148 26.40 -21.91 -1.83
N LEU B 149 25.40 -21.05 -1.97
CA LEU B 149 24.96 -20.25 -0.84
C LEU B 149 24.11 -21.22 -0.03
N THR B 150 24.54 -21.45 1.20
CA THR B 150 23.94 -22.42 2.08
C THR B 150 23.44 -21.63 3.28
N VAL B 151 22.14 -21.58 3.47
CA VAL B 151 21.59 -20.50 4.28
C VAL B 151 20.51 -20.98 5.23
N THR B 152 20.82 -20.90 6.53
CA THR B 152 19.87 -21.24 7.59
C THR B 152 18.97 -20.04 7.80
N GLY B 153 17.82 -20.29 8.44
CA GLY B 153 16.82 -19.25 8.62
C GLY B 153 15.91 -19.44 9.84
N PRO B 154 15.28 -18.35 10.29
CA PRO B 154 14.50 -18.38 11.54
C PRO B 154 13.83 -19.74 11.76
N GLU B 155 14.06 -20.34 12.92
CA GLU B 155 13.50 -21.67 13.25
C GLU B 155 13.99 -22.77 12.29
N GLY B 156 15.29 -22.77 12.02
CA GLY B 156 16.01 -23.88 11.38
C GLY B 156 16.03 -24.03 9.85
N GLU B 157 15.45 -23.10 9.08
CA GLU B 157 15.23 -23.31 7.63
C GLU B 157 16.49 -23.19 6.74
N VAL B 158 17.03 -24.33 6.31
CA VAL B 158 18.21 -24.34 5.43
C VAL B 158 17.79 -24.36 3.96
N ARG B 159 17.74 -23.19 3.32
CA ARG B 159 17.65 -23.10 1.86
C ARG B 159 19.01 -23.31 1.21
N GLN B 160 19.08 -24.03 0.10
CA GLN B 160 20.37 -24.27 -0.50
C GLN B 160 20.36 -24.03 -1.99
N PHE B 161 20.95 -22.90 -2.40
CA PHE B 161 21.01 -22.54 -3.79
C PHE B 161 22.34 -22.96 -4.31
N ASN B 162 22.31 -23.53 -5.51
CA ASN B 162 23.52 -23.73 -6.27
C ASN B 162 23.58 -22.67 -7.37
N ILE B 163 24.60 -21.85 -7.39
CA ILE B 163 24.80 -20.97 -8.54
C ILE B 163 25.66 -21.65 -9.58
N THR B 164 25.02 -22.05 -10.68
CA THR B 164 25.62 -22.75 -11.82
C THR B 164 26.00 -21.80 -12.98
N ARG B 165 25.07 -20.96 -13.42
CA ARG B 165 25.43 -19.86 -14.32
C ARG B 165 25.52 -18.54 -13.55
N LEU B 166 26.19 -17.57 -14.15
CA LEU B 166 26.12 -16.20 -13.69
C LEU B 166 26.42 -15.32 -14.88
N ILE B 167 25.47 -14.42 -15.16
CA ILE B 167 25.33 -13.72 -16.44
C ILE B 167 25.50 -12.22 -16.23
N ARG B 169 25.70 -8.31 -17.95
CA ARG B 169 25.64 -7.21 -18.91
C ARG B 169 26.02 -5.98 -18.15
N PRO B 170 26.54 -4.99 -18.86
CA PRO B 170 26.88 -3.70 -18.22
C PRO B 170 25.66 -3.06 -17.64
N GLN B 171 25.77 -2.31 -16.55
CA GLN B 171 24.71 -1.41 -16.15
C GLN B 171 24.39 -0.49 -17.32
N GLY B 172 23.10 -0.28 -17.56
CA GLY B 172 22.59 0.52 -18.66
C GLY B 172 22.11 -0.34 -19.83
N VAL B 173 22.89 -1.38 -20.16
CA VAL B 173 22.52 -2.33 -21.17
C VAL B 173 21.36 -3.16 -20.67
N GLY B 174 21.40 -3.54 -19.39
CA GLY B 174 20.28 -4.23 -18.77
C GLY B 174 18.98 -3.50 -19.10
N ALA B 175 18.86 -2.23 -18.70
CA ALA B 175 17.64 -1.48 -18.90
C ALA B 175 17.37 -1.28 -20.36
N ALA B 176 18.37 -1.27 -21.23
CA ALA B 176 18.11 -1.15 -22.67
C ALA B 176 17.40 -2.38 -23.20
N LEU B 177 17.90 -3.59 -22.94
CA LEU B 177 17.19 -4.78 -23.39
C LEU B 177 15.77 -4.77 -22.96
N TYR B 178 15.52 -4.75 -21.67
CA TYR B 178 14.16 -4.85 -21.20
C TYR B 178 13.26 -3.87 -21.95
N LEU B 179 13.72 -2.65 -22.19
CA LEU B 179 12.95 -1.76 -23.03
C LEU B 179 12.90 -2.29 -24.51
N LEU B 180 14.03 -2.76 -25.07
CA LEU B 180 13.99 -3.41 -26.37
C LEU B 180 13.04 -4.58 -26.37
N ASN B 181 13.40 -5.75 -25.87
CA ASN B 181 12.41 -6.83 -25.64
C ASN B 181 10.95 -6.30 -25.53
N GLN B 182 10.66 -5.40 -24.60
CA GLN B 182 9.29 -4.87 -24.39
C GLN B 182 8.72 -3.88 -25.40
N GLY B 183 9.35 -3.65 -26.54
CA GLY B 183 8.80 -2.76 -27.56
C GLY B 183 8.96 -1.24 -27.43
N ILE B 184 9.43 -0.77 -26.28
CA ILE B 184 9.44 0.65 -25.95
C ILE B 184 10.51 1.47 -26.70
N ILE B 185 11.53 0.75 -27.19
CA ILE B 185 12.57 1.32 -28.05
C ILE B 185 12.89 0.28 -29.15
N GLU B 186 13.21 0.70 -30.36
CA GLU B 186 13.58 -0.31 -31.36
C GLU B 186 14.89 0.01 -32.08
N GLN B 187 15.51 -1.06 -32.56
CA GLN B 187 16.84 -1.03 -33.14
C GLN B 187 16.71 -0.22 -34.40
N GLN B 188 17.76 0.54 -34.72
CA GLN B 188 17.80 1.41 -35.89
C GLN B 188 19.13 2.19 -36.00
N PRO B 189 19.22 3.15 -36.93
CA PRO B 189 20.34 4.12 -36.89
C PRO B 189 20.35 5.08 -35.69
N GLY B 190 21.49 5.75 -35.46
CA GLY B 190 21.72 6.70 -34.35
C GLY B 190 22.18 6.11 -33.01
N TYR B 191 22.17 6.94 -31.96
CA TYR B 191 22.46 6.49 -30.57
C TYR B 191 21.32 6.66 -29.56
N GLY B 192 21.31 5.76 -28.57
CA GLY B 192 20.55 5.89 -27.33
C GLY B 192 21.40 6.23 -26.09
N VAL B 193 20.75 6.96 -25.19
CA VAL B 193 21.39 7.52 -24.05
C VAL B 193 20.54 7.18 -22.83
N VAL B 194 21.01 6.12 -22.15
CA VAL B 194 20.46 5.66 -20.87
C VAL B 194 21.13 6.43 -19.72
N ILE B 195 20.33 7.25 -19.04
CA ILE B 195 20.76 8.04 -17.93
C ILE B 195 20.17 7.44 -16.67
N ASP B 196 20.91 6.52 -16.05
CA ASP B 196 20.53 5.88 -14.78
C ASP B 196 20.82 6.71 -13.46
N VAL B 197 19.88 7.58 -13.05
CA VAL B 197 20.01 8.35 -11.78
C VAL B 197 19.91 7.43 -10.56
N GLY B 198 20.97 7.27 -9.76
CA GLY B 198 21.02 6.34 -8.63
C GLY B 198 21.07 6.98 -7.24
N SER B 199 21.54 6.25 -6.23
CA SER B 199 21.61 6.87 -4.88
C SER B 199 22.85 7.75 -4.79
N ARG B 200 24.03 7.17 -5.06
CA ARG B 200 25.29 7.90 -5.00
C ARG B 200 25.78 8.43 -6.34
N THR B 201 25.41 7.80 -7.45
CA THR B 201 25.95 8.06 -8.81
C THR B 201 24.84 8.35 -9.85
N THR B 202 25.22 8.92 -10.98
CA THR B 202 24.33 9.08 -12.15
C THR B 202 25.09 8.49 -13.28
N ASP B 203 24.54 7.51 -13.95
CA ASP B 203 25.39 6.71 -14.81
C ASP B 203 24.86 6.73 -16.20
N VAL B 204 25.65 7.23 -17.14
CA VAL B 204 25.24 7.48 -18.50
C VAL B 204 25.83 6.47 -19.52
N LEU B 205 24.98 5.74 -20.25
CA LEU B 205 25.45 4.77 -21.25
C LEU B 205 25.02 5.23 -22.57
N THR B 206 25.97 5.61 -23.44
CA THR B 206 25.66 5.98 -24.82
C THR B 206 25.77 4.73 -25.61
N ILE B 207 24.75 4.46 -26.39
CA ILE B 207 24.59 3.15 -27.00
C ILE B 207 24.19 3.35 -28.47
N ASN B 208 24.71 2.52 -29.35
CA ASN B 208 24.36 2.59 -30.78
C ASN B 208 23.17 1.69 -31.12
N LEU B 209 22.04 2.22 -31.61
CA LEU B 209 20.80 1.40 -31.71
C LEU B 209 20.82 0.34 -32.84
N ASP B 211 22.55 -2.01 -33.00
CA ASP B 211 23.04 -3.29 -32.51
C ASP B 211 23.09 -3.40 -30.98
N GLU B 213 24.98 -2.28 -28.94
CA GLU B 213 26.35 -2.31 -28.48
C GLU B 213 26.70 -0.92 -27.92
N PRO B 214 27.23 -0.87 -26.68
CA PRO B 214 27.62 0.40 -26.06
C PRO B 214 28.76 1.13 -26.77
N VAL B 215 28.71 2.45 -26.71
CA VAL B 215 29.71 3.35 -27.24
C VAL B 215 30.58 3.80 -26.05
N VAL B 216 31.67 3.06 -25.89
CA VAL B 216 32.59 3.14 -24.78
C VAL B 216 33.16 4.53 -24.57
N GLU B 217 33.63 5.17 -25.61
CA GLU B 217 34.13 6.53 -25.46
C GLU B 217 33.02 7.53 -25.06
N LEU B 218 31.74 7.26 -25.31
CA LEU B 218 30.71 8.17 -24.88
C LEU B 218 29.98 7.76 -23.57
N SER B 219 30.62 6.86 -22.82
CA SER B 219 30.01 6.28 -21.66
C SER B 219 30.79 6.73 -20.45
N PHE B 220 30.11 6.99 -19.36
CA PHE B 220 30.77 7.49 -18.18
C PHE B 220 29.80 7.47 -16.99
N SER B 221 30.36 7.81 -15.82
CA SER B 221 29.64 7.89 -14.56
C SER B 221 29.89 9.23 -13.93
N LEU B 222 28.86 9.91 -13.47
CA LEU B 222 29.03 11.07 -12.62
C LEU B 222 29.00 10.57 -11.22
N GLN B 223 29.75 11.17 -10.29
CA GLN B 223 29.62 10.84 -8.86
C GLN B 223 28.64 11.85 -8.25
N ILE B 224 27.40 11.82 -8.75
CA ILE B 224 26.35 12.67 -8.24
C ILE B 224 25.01 11.93 -8.32
N GLY B 225 24.41 11.63 -7.15
CA GLY B 225 23.17 10.86 -7.05
C GLY B 225 21.98 11.50 -6.29
N VAL B 226 21.11 10.69 -5.67
CA VAL B 226 19.96 11.24 -4.92
C VAL B 226 20.37 11.62 -3.46
N GLY B 227 21.25 10.81 -2.86
CA GLY B 227 21.87 11.15 -1.58
C GLY B 227 22.04 12.65 -1.51
N ASP B 228 22.71 13.20 -2.51
CA ASP B 228 22.97 14.63 -2.51
C ASP B 228 21.77 15.42 -2.08
N ALA B 229 20.62 15.19 -2.73
CA ALA B 229 19.36 15.94 -2.46
C ALA B 229 18.84 15.70 -1.05
N ILE B 230 19.12 14.52 -0.54
CA ILE B 230 18.79 14.13 0.82
C ILE B 230 19.78 14.84 1.76
N SER B 231 20.98 14.28 1.96
CA SER B 231 22.04 14.97 2.73
C SER B 231 22.09 16.50 2.59
N ALA B 232 21.69 17.06 1.44
CA ALA B 232 21.49 18.50 1.30
C ALA B 232 20.35 18.92 2.22
N LEU B 233 19.24 18.20 2.08
CA LEU B 233 18.06 18.33 2.94
C LEU B 233 18.31 18.11 4.42
N SER B 234 18.71 16.92 4.82
CA SER B 234 19.03 16.68 6.24
C SER B 234 19.94 17.78 6.78
N ARG B 235 21.07 18.05 6.10
CA ARG B 235 21.90 19.23 6.41
C ARG B 235 21.06 20.50 6.51
N LYS B 236 20.16 20.67 5.53
CA LYS B 236 19.20 21.80 5.50
C LYS B 236 18.21 21.81 6.66
N ILE B 237 17.67 20.65 7.02
CA ILE B 237 16.66 20.57 8.07
C ILE B 237 17.23 21.32 9.27
N ALA B 238 18.37 20.86 9.79
CA ALA B 238 18.99 21.46 10.98
C ALA B 238 19.19 22.99 10.90
N LYS B 239 19.74 23.47 9.78
CA LYS B 239 19.92 24.90 9.51
C LYS B 239 18.58 25.61 9.19
N GLU B 240 17.51 25.18 9.87
CA GLU B 240 16.19 25.84 9.87
C GLU B 240 15.36 25.35 11.09
N THR B 241 15.52 24.08 11.44
CA THR B 241 14.95 23.51 12.65
C THR B 241 16.03 23.51 13.72
N GLY B 242 16.90 22.51 13.71
CA GLY B 242 17.93 22.39 14.73
C GLY B 242 18.60 21.01 14.78
N PHE B 243 17.86 19.99 15.18
CA PHE B 243 18.38 18.61 15.23
C PHE B 243 18.33 17.87 13.89
N VAL B 244 18.90 16.66 13.84
CA VAL B 244 19.08 15.90 12.60
C VAL B 244 17.88 14.94 12.39
N VAL B 245 17.60 14.61 11.12
CA VAL B 245 16.41 13.80 10.76
C VAL B 245 16.84 12.55 10.00
N PRO B 246 17.27 11.51 10.76
CA PRO B 246 17.78 10.22 10.23
C PRO B 246 17.57 9.82 8.77
N PHE B 247 18.48 8.97 8.26
CA PHE B 247 18.60 8.67 6.81
C PHE B 247 17.27 8.53 6.06
N ASP B 248 16.37 7.69 6.57
CA ASP B 248 15.16 7.32 5.81
C ASP B 248 14.07 8.40 5.87
N LEU B 249 14.00 9.10 7.00
CA LEU B 249 13.11 10.25 7.11
C LEU B 249 13.43 11.19 5.96
N ALA B 250 14.72 11.50 5.85
CA ALA B 250 15.24 12.47 4.88
C ALA B 250 15.03 12.09 3.40
N GLN B 251 15.20 10.80 3.09
CA GLN B 251 14.88 10.21 1.78
C GLN B 251 13.41 10.46 1.41
N GLU B 252 12.51 9.96 2.27
CA GLU B 252 11.08 10.14 2.15
C GLU B 252 10.68 11.60 2.10
N ALA B 253 11.24 12.36 3.04
CA ALA B 253 11.08 13.81 3.15
C ALA B 253 11.20 14.56 1.83
N LEU B 254 11.92 13.98 0.87
CA LEU B 254 11.99 14.53 -0.49
C LEU B 254 10.63 14.51 -1.23
N SER B 255 9.61 13.93 -0.58
CA SER B 255 8.25 13.85 -1.10
C SER B 255 7.21 13.47 -0.03
N HIS B 256 7.43 13.86 1.23
CA HIS B 256 6.46 13.58 2.30
C HIS B 256 6.80 14.23 3.69
N PRO B 257 6.09 15.30 4.07
CA PRO B 257 6.42 16.02 5.31
C PRO B 257 6.37 15.20 6.61
N VAL B 258 7.49 14.54 6.90
CA VAL B 258 7.62 13.60 8.04
C VAL B 258 7.37 14.25 9.43
N PHE B 260 9.49 13.63 13.20
CA PHE B 260 10.38 13.09 14.25
C PHE B 260 10.47 14.05 15.47
N ARG B 261 10.09 13.57 16.65
CA ARG B 261 10.19 14.35 17.88
C ARG B 261 9.16 15.51 17.95
N GLN B 262 7.88 15.16 17.81
CA GLN B 262 6.76 16.13 17.80
C GLN B 262 6.61 17.00 16.54
N LYS B 263 7.72 17.18 15.79
CA LYS B 263 7.85 18.26 14.82
C LYS B 263 7.91 17.81 13.33
N GLN B 264 6.99 18.35 12.53
CA GLN B 264 7.03 18.17 11.08
C GLN B 264 8.25 18.86 10.54
N VAL B 265 8.95 18.20 9.61
CA VAL B 265 10.12 18.77 8.92
C VAL B 265 9.96 18.62 7.38
N GLY B 266 9.32 19.60 6.76
CA GLY B 266 8.65 19.51 5.45
C GLY B 266 9.10 18.60 4.33
N GLY B 267 8.84 19.01 3.07
CA GLY B 267 9.20 18.23 1.89
C GLY B 267 8.59 18.68 0.55
N PRO B 268 7.76 17.84 -0.08
CA PRO B 268 7.38 17.88 -1.52
C PRO B 268 7.65 19.10 -2.44
N GLU B 269 6.87 20.19 -2.37
CA GLU B 269 7.02 21.28 -3.37
C GLU B 269 8.22 22.22 -3.14
N VAL B 270 8.66 22.37 -1.87
CA VAL B 270 9.86 23.18 -1.55
C VAL B 270 11.17 22.54 -2.08
N SER B 271 11.11 21.25 -2.43
CA SER B 271 12.23 20.53 -3.05
C SER B 271 12.47 20.93 -4.53
N GLY B 272 12.12 22.15 -4.90
CA GLY B 272 12.66 22.75 -6.11
C GLY B 272 14.19 22.91 -6.06
N PRO B 273 14.68 23.92 -5.35
CA PRO B 273 16.09 24.34 -5.51
C PRO B 273 17.14 23.25 -5.32
N ILE B 274 16.80 22.08 -4.74
CA ILE B 274 17.78 20.97 -4.67
C ILE B 274 17.77 20.13 -5.98
N LEU B 275 16.58 19.59 -6.29
CA LEU B 275 16.38 18.72 -7.43
C LEU B 275 16.43 19.44 -8.78
N GLU B 276 16.29 20.77 -8.80
CA GLU B 276 16.51 21.51 -10.04
C GLU B 276 18.02 21.70 -10.25
N ASP B 277 18.81 21.86 -9.19
CA ASP B 277 20.27 21.99 -9.37
C ASP B 277 20.81 20.61 -9.72
N LEU B 278 20.61 19.65 -8.82
CA LEU B 278 20.80 18.21 -9.08
C LEU B 278 20.49 17.82 -10.49
N ALA B 279 19.27 18.12 -10.94
CA ALA B 279 18.89 17.82 -12.31
C ALA B 279 19.86 18.48 -13.25
N ASN B 280 20.09 19.78 -13.06
CA ASN B 280 20.91 20.57 -14.00
C ASN B 280 22.39 20.19 -13.95
N ARG B 281 22.99 20.11 -12.77
CA ARG B 281 24.34 19.54 -12.59
C ARG B 281 24.63 18.28 -13.44
N ILE B 282 23.68 17.34 -13.47
CA ILE B 282 23.81 16.11 -14.26
C ILE B 282 23.82 16.47 -15.75
N ILE B 283 22.87 17.32 -16.14
CA ILE B 283 22.81 17.83 -17.51
C ILE B 283 24.12 18.54 -17.95
N GLU B 284 24.71 19.36 -17.09
CA GLU B 284 25.96 20.01 -17.45
C GLU B 284 26.95 18.89 -17.78
N ASN B 285 27.30 18.13 -16.76
CA ASN B 285 28.28 17.09 -16.86
C ASN B 285 28.14 16.20 -18.12
N ILE B 286 26.89 15.97 -18.54
CA ILE B 286 26.59 15.15 -19.76
C ILE B 286 26.98 15.88 -21.08
N ARG B 287 26.46 17.08 -21.25
CA ARG B 287 26.81 17.92 -22.40
C ARG B 287 28.29 18.05 -22.56
N LEU B 288 28.92 18.23 -21.42
CA LEU B 288 30.36 18.19 -21.32
C LEU B 288 30.97 17.02 -22.08
N ASN B 289 30.61 15.83 -21.68
CA ASN B 289 31.22 14.64 -22.24
C ASN B 289 30.80 14.44 -23.69
N LEU B 290 29.53 14.59 -24.02
CA LEU B 290 29.05 14.16 -25.33
C LEU B 290 29.37 15.12 -26.47
N ARG B 291 29.22 16.42 -26.23
CA ARG B 291 29.54 17.50 -27.20
C ARG B 291 28.85 17.35 -28.56
N GLY B 292 29.55 17.66 -29.65
CA GLY B 292 28.99 17.56 -30.99
C GLY B 292 28.17 16.29 -31.23
N GLU B 293 28.62 15.19 -30.61
CA GLU B 293 27.96 13.87 -30.67
C GLU B 293 26.54 13.83 -30.06
N VAL B 294 26.12 14.86 -29.34
CA VAL B 294 24.73 14.94 -28.89
C VAL B 294 23.74 15.17 -30.04
N ASP B 295 24.22 15.21 -31.29
CA ASP B 295 23.36 15.32 -32.48
C ASP B 295 23.22 13.98 -33.22
N ARG B 296 23.94 12.98 -32.74
CA ARG B 296 23.71 11.62 -33.16
C ARG B 296 22.59 10.96 -32.33
N VAL B 297 22.11 11.64 -31.28
CA VAL B 297 21.25 11.01 -30.25
C VAL B 297 19.74 10.96 -30.57
N THR B 298 19.27 9.79 -31.02
CA THR B 298 17.81 9.57 -31.25
C THR B 298 17.00 9.30 -29.97
N SER B 299 17.64 8.93 -28.86
CA SER B 299 16.92 8.48 -27.66
C SER B 299 17.57 8.83 -26.33
N LEU B 300 16.78 9.49 -25.50
CA LEU B 300 17.07 9.68 -24.12
C LEU B 300 16.14 8.76 -23.36
N ILE B 301 16.66 8.13 -22.31
CA ILE B 301 15.99 7.03 -21.62
C ILE B 301 16.41 7.12 -20.14
N PRO B 302 15.74 7.96 -19.37
CA PRO B 302 15.94 8.04 -17.92
C PRO B 302 15.61 6.76 -17.21
N VAL B 303 16.42 6.28 -16.30
CA VAL B 303 16.09 5.11 -15.53
C VAL B 303 16.65 5.29 -14.11
N GLY B 304 16.47 4.30 -13.24
CA GLY B 304 16.90 4.47 -11.88
C GLY B 304 15.90 5.26 -11.08
N GLY B 305 15.99 5.17 -9.75
CA GLY B 305 15.01 5.84 -8.91
C GLY B 305 15.00 7.36 -9.08
N GLY B 306 16.17 7.96 -9.11
CA GLY B 306 16.22 9.38 -9.25
C GLY B 306 15.34 9.86 -10.38
N SER B 307 15.23 9.11 -11.48
CA SER B 307 14.47 9.54 -12.65
C SER B 307 13.01 9.79 -12.28
N ASN B 308 12.55 9.14 -11.21
CA ASN B 308 11.24 9.43 -10.63
C ASN B 308 10.98 10.81 -10.04
N LEU B 309 11.93 11.72 -10.10
CA LEU B 309 11.72 13.05 -9.54
C LEU B 309 12.19 14.03 -10.57
N ILE B 310 13.43 13.83 -10.99
CA ILE B 310 14.08 14.69 -11.93
C ILE B 310 14.03 14.11 -13.34
N GLY B 311 13.44 12.97 -13.53
CA GLY B 311 13.52 12.33 -14.85
C GLY B 311 13.27 13.20 -16.08
N ASP B 312 12.09 13.80 -16.13
CA ASP B 312 11.61 14.60 -17.27
C ASP B 312 12.46 15.86 -17.58
N ARG B 313 13.04 16.41 -16.53
CA ARG B 313 14.03 17.46 -16.69
C ARG B 313 15.18 17.11 -17.64
N PHE B 314 15.41 15.83 -17.95
CA PHE B 314 16.51 15.43 -18.85
C PHE B 314 16.15 15.62 -20.31
N GLU B 315 14.91 15.97 -20.63
CA GLU B 315 14.50 16.03 -22.04
C GLU B 315 15.33 17.04 -22.87
N GLU B 316 15.90 18.07 -22.24
CA GLU B 316 16.52 19.16 -23.01
C GLU B 316 17.95 18.91 -23.54
N ILE B 317 18.56 17.78 -23.18
CA ILE B 317 19.72 17.26 -23.91
C ILE B 317 19.26 16.97 -25.37
N ALA B 318 18.00 16.59 -25.53
CA ALA B 318 17.32 16.48 -26.83
C ALA B 318 15.79 16.33 -26.64
N PRO B 319 14.99 17.15 -27.30
CA PRO B 319 13.52 17.03 -27.24
C PRO B 319 12.99 16.02 -28.26
N GLY B 320 11.82 15.43 -28.02
CA GLY B 320 11.26 14.43 -28.94
C GLY B 320 12.19 13.23 -29.11
N THR B 321 12.92 12.97 -28.02
CA THR B 321 13.76 11.79 -27.85
C THR B 321 13.48 11.15 -26.48
N LEU B 322 12.85 11.88 -25.56
CA LEU B 322 12.37 11.25 -24.34
C LEU B 322 11.47 10.09 -24.70
N VAL B 323 11.71 8.98 -24.02
CA VAL B 323 11.01 7.73 -24.25
C VAL B 323 10.10 7.57 -23.04
N LYS B 324 8.81 7.41 -23.28
CA LYS B 324 7.87 7.05 -22.23
C LYS B 324 8.23 5.68 -21.56
N ILE B 325 8.14 5.64 -20.24
CA ILE B 325 8.39 4.44 -19.39
C ILE B 325 7.59 4.58 -18.08
N LYS B 326 7.02 3.48 -17.62
CA LYS B 326 6.22 3.50 -16.41
C LYS B 326 7.08 3.79 -15.19
N PRO B 327 6.72 4.80 -14.41
CA PRO B 327 7.49 5.12 -13.21
C PRO B 327 7.98 3.92 -12.41
N GLU B 328 7.19 2.86 -12.28
CA GLU B 328 7.54 1.74 -11.41
C GLU B 328 8.53 0.80 -12.07
N ASP B 329 8.81 1.04 -13.34
CA ASP B 329 9.78 0.29 -14.10
C ASP B 329 11.20 0.92 -14.00
N LEU B 330 11.25 2.16 -13.61
CA LEU B 330 12.47 2.92 -13.61
C LEU B 330 13.48 2.32 -12.70
N GLN B 331 13.15 2.20 -11.41
CA GLN B 331 14.06 1.50 -10.49
C GLN B 331 14.40 0.03 -10.87
N PHE B 332 13.63 -0.66 -11.75
CA PHE B 332 13.90 -2.09 -12.02
C PHE B 332 14.22 -2.48 -13.46
N ALA B 333 14.19 -1.54 -14.39
CA ALA B 333 14.54 -1.80 -15.77
C ALA B 333 15.90 -2.54 -15.96
N ASN B 334 16.91 -2.26 -15.15
CA ASN B 334 18.19 -2.92 -15.30
C ASN B 334 18.09 -4.35 -14.87
N ALA B 335 17.45 -4.61 -13.73
CA ALA B 335 17.41 -5.97 -13.15
C ALA B 335 16.64 -6.86 -14.08
N LEU B 336 15.49 -6.30 -14.49
CA LEU B 336 14.57 -6.98 -15.36
C LEU B 336 15.27 -7.47 -16.58
N GLY B 337 16.09 -6.57 -17.14
CA GLY B 337 16.96 -6.86 -18.26
C GLY B 337 17.97 -7.92 -17.88
N TYR B 338 18.55 -7.87 -16.68
CA TYR B 338 19.61 -8.81 -16.33
C TYR B 338 19.07 -10.25 -16.33
N ARG B 339 17.88 -10.49 -15.74
CA ARG B 339 17.19 -11.80 -15.88
C ARG B 339 16.99 -12.14 -17.36
N ASP B 340 16.27 -11.30 -18.11
CA ASP B 340 16.02 -11.55 -19.52
C ASP B 340 17.31 -12.06 -20.22
N ALA B 341 18.46 -11.52 -19.83
CA ALA B 341 19.76 -11.92 -20.39
C ALA B 341 19.99 -13.37 -20.17
N ALA B 342 19.75 -13.75 -18.91
CA ALA B 342 19.81 -15.13 -18.45
C ALA B 342 18.82 -16.02 -19.23
N GLU B 343 17.58 -15.55 -19.44
CA GLU B 343 16.56 -16.35 -20.12
C GLU B 343 16.97 -16.62 -21.55
N ARG B 344 17.40 -15.59 -22.27
CA ARG B 344 17.88 -15.73 -23.66
C ARG B 344 19.23 -16.46 -23.82
N SER B 345 19.92 -16.86 -22.75
CA SER B 345 21.05 -17.82 -22.88
C SER B 345 20.70 -19.20 -22.22
#